data_6A3T
#
_entry.id   6A3T
#
_cell.length_a   137.436
_cell.length_b   137.436
_cell.length_c   111.733
_cell.angle_alpha   90.00
_cell.angle_beta   90.00
_cell.angle_gamma   90.00
#
_symmetry.space_group_name_H-M   'I 4 2 2'
#
loop_
_entity.id
_entity.type
_entity.pdbx_description
1 polymer '4-hydroxymandelate oxidase'
2 non-polymer 1-{5-[(1S)-2-amino-1-hydroxy-2-oxo-1-phenylethyl]-7,8-dimethyl-2,4-dioxo-1,2,3,4-tetrahydrobenzo[g]pteridine-5,10-diium-10-yl}-1-deoxy-5-O-phosphono-D-ribitol
3 water water
#
_entity_poly.entity_id   1
_entity_poly.type   'polypeptide(L)'
_entity_poly.pdbx_seq_one_letter_code
;MGSSHHHHHHSSGLVPRGSHMTYVSLADLERAARDVLPGEIFDFLAGGSGTEASLVANRTALERVFVIPRMLRDLTDVTT
EIDIFGRRAALPMAVAPVAYQRLFHPEGELAVARAARDAGVPYTICTLSSVSLEEIAAVGGRPWFQLYWLRDEKRSLDLV
RRAEDAGCEAIVFTVDVPWMGRLLRDMRNGFALPEWVTAANFDAGTAAHRRTQGVSAVADHTAREFAPATWESVEAVRAH
TDLPVVLKGILAVEDARRAVDAGAGGIVVSNHGGRQLDGAVPGIEMLGEIVAAVSGGCEVLVDGGIRSGGDVLKATALGA
SAVLVGRPVMWALAAAGQDGVRQLLELLAEEVRDAMGLAGCESVGAARRLNTKLGVV
;
_entity_poly.pdbx_strand_id   A
#
loop_
_chem_comp.id
_chem_comp.type
_chem_comp.name
_chem_comp.formula
9Q0 non-polymer 1-{5-[(1S)-2-amino-1-hydroxy-2-oxo-1-phenylethyl]-7,8-dimethyl-2,4-dioxo-1,2,3,4-tetrahydrobenzo[g]pteridine-5,10-diium-10-yl}-1-deoxy-5-O-phosphono-D-ribitol 'C25 H30 N5 O11 P 2'
#
# COMPACT_ATOMS: atom_id res chain seq x y z
N THR A 22 9.06 -23.23 5.36
CA THR A 22 7.62 -23.47 5.24
C THR A 22 7.06 -22.77 3.99
N TYR A 23 7.49 -21.54 3.74
CA TYR A 23 7.12 -20.80 2.54
C TYR A 23 8.38 -20.21 1.92
N VAL A 24 8.54 -20.42 0.61
CA VAL A 24 9.71 -19.92 -0.10
C VAL A 24 9.40 -18.68 -0.95
N SER A 25 8.15 -18.53 -1.40
CA SER A 25 7.72 -17.36 -2.16
C SER A 25 6.33 -16.98 -1.69
N LEU A 26 5.84 -15.86 -2.21
CA LEU A 26 4.48 -15.45 -1.90
C LEU A 26 3.47 -16.36 -2.57
N ALA A 27 3.87 -17.03 -3.66
CA ALA A 27 2.93 -17.85 -4.41
C ALA A 27 2.27 -18.88 -3.50
N ASP A 28 3.08 -19.56 -2.70
CA ASP A 28 2.55 -20.66 -1.88
C ASP A 28 1.71 -20.15 -0.73
N LEU A 29 1.96 -18.91 -0.29
CA LEU A 29 1.06 -18.27 0.65
C LEU A 29 -0.36 -18.23 0.11
N GLU A 30 -0.55 -17.64 -1.09
CA GLU A 30 -1.90 -17.45 -1.59
C GLU A 30 -2.67 -18.76 -1.65
N ARG A 31 -2.02 -19.84 -2.09
CA ARG A 31 -2.64 -21.15 -2.09
C ARG A 31 -3.13 -21.51 -0.70
N ALA A 32 -2.27 -21.31 0.31
CA ALA A 32 -2.67 -21.54 1.69
C ALA A 32 -3.94 -20.76 2.03
N ALA A 33 -4.00 -19.49 1.67
CA ALA A 33 -5.16 -18.69 2.01
C ALA A 33 -6.40 -19.15 1.25
N ARG A 34 -6.22 -19.65 0.02
CA ARG A 34 -7.37 -20.14 -0.74
C ARG A 34 -8.06 -21.28 -0.02
N ASP A 35 -7.27 -22.19 0.57
CA ASP A 35 -7.82 -23.31 1.33
C ASP A 35 -8.57 -22.83 2.56
N VAL A 36 -7.95 -21.96 3.35
CA VAL A 36 -8.50 -21.55 4.64
C VAL A 36 -9.76 -20.70 4.46
N LEU A 37 -9.79 -19.85 3.44
CA LEU A 37 -10.86 -18.86 3.42
C LEU A 37 -12.07 -19.38 2.65
N PRO A 38 -13.27 -19.04 3.13
CA PRO A 38 -14.45 -19.20 2.29
C PRO A 38 -14.25 -18.51 0.95
N GLY A 39 -14.66 -19.20 -0.12
CA GLY A 39 -14.41 -18.70 -1.47
C GLY A 39 -14.90 -17.29 -1.72
N GLU A 40 -16.04 -16.92 -1.12
CA GLU A 40 -16.54 -15.57 -1.29
C GLU A 40 -15.71 -14.53 -0.53
N ILE A 41 -14.96 -14.96 0.50
CA ILE A 41 -14.01 -14.04 1.13
C ILE A 41 -12.73 -13.94 0.31
N PHE A 42 -12.21 -15.08 -0.16
CA PHE A 42 -11.06 -15.02 -1.04
C PHE A 42 -11.36 -14.16 -2.26
N ASP A 43 -12.54 -14.33 -2.85
CA ASP A 43 -12.91 -13.55 -4.02
C ASP A 43 -12.96 -12.06 -3.70
N PHE A 44 -13.56 -11.70 -2.56
CA PHE A 44 -13.55 -10.31 -2.14
C PHE A 44 -12.13 -9.76 -2.09
N LEU A 45 -11.19 -10.55 -1.59
CA LEU A 45 -9.81 -10.10 -1.47
C LEU A 45 -9.09 -10.09 -2.82
N ALA A 46 -9.25 -11.14 -3.61
CA ALA A 46 -8.51 -11.32 -4.86
C ALA A 46 -9.02 -10.48 -6.02
N GLY A 47 -10.29 -10.07 -5.98
CA GLY A 47 -10.94 -9.60 -7.17
C GLY A 47 -10.64 -8.15 -7.52
N GLY A 48 -10.96 -7.83 -8.78
CA GLY A 48 -10.87 -6.49 -9.30
C GLY A 48 -12.22 -6.04 -9.83
N SER A 49 -12.24 -4.81 -10.32
CA SER A 49 -13.48 -4.28 -10.89
C SER A 49 -13.63 -4.70 -12.35
N GLY A 50 -14.88 -4.67 -12.82
CA GLY A 50 -15.15 -4.96 -14.23
C GLY A 50 -14.57 -6.27 -14.65
N THR A 51 -13.93 -6.28 -15.83
CA THR A 51 -13.31 -7.48 -16.38
C THR A 51 -11.93 -7.77 -15.75
N GLU A 52 -11.55 -7.05 -14.71
CA GLU A 52 -10.27 -7.27 -14.03
C GLU A 52 -9.09 -7.04 -14.97
N ALA A 53 -9.24 -6.11 -15.93
CA ALA A 53 -8.14 -5.77 -16.81
C ALA A 53 -7.00 -5.07 -16.06
N SER A 54 -7.34 -4.14 -15.16
CA SER A 54 -6.29 -3.43 -14.43
C SER A 54 -5.63 -4.33 -13.39
N LEU A 55 -6.40 -5.21 -12.74
CA LEU A 55 -5.82 -6.20 -11.85
C LEU A 55 -4.72 -6.98 -12.55
N VAL A 56 -5.02 -7.50 -13.74
CA VAL A 56 -4.03 -8.27 -14.49
C VAL A 56 -2.89 -7.37 -14.94
N ALA A 57 -3.22 -6.16 -15.39
CA ALA A 57 -2.19 -5.27 -15.92
C ALA A 57 -1.17 -4.89 -14.85
N ASN A 58 -1.55 -4.86 -13.57
CA ASN A 58 -0.57 -4.57 -12.53
C ASN A 58 0.54 -5.61 -12.52
N ARG A 59 0.20 -6.87 -12.72
CA ARG A 59 1.24 -7.88 -12.76
C ARG A 59 1.99 -7.85 -14.08
N THR A 60 1.28 -7.67 -15.21
CA THR A 60 1.96 -7.57 -16.50
C THR A 60 3.03 -6.49 -16.47
N ALA A 61 2.72 -5.35 -15.86
CA ALA A 61 3.64 -4.22 -15.85
C ALA A 61 4.93 -4.58 -15.12
N LEU A 62 4.81 -5.22 -13.95
CA LEU A 62 6.01 -5.54 -13.19
C LEU A 62 6.82 -6.63 -13.87
N GLU A 63 6.15 -7.51 -14.63
CA GLU A 63 6.85 -8.61 -15.28
C GLU A 63 7.56 -8.20 -16.55
N ARG A 64 7.14 -7.08 -17.17
CA ARG A 64 7.81 -6.51 -18.33
C ARG A 64 9.09 -5.77 -17.98
N VAL A 65 9.28 -5.40 -16.71
CA VAL A 65 10.42 -4.60 -16.29
C VAL A 65 11.59 -5.53 -15.97
N PHE A 66 12.75 -5.22 -16.55
CA PHE A 66 13.97 -5.91 -16.19
C PHE A 66 14.98 -4.90 -15.69
N VAL A 67 15.82 -5.34 -14.74
CA VAL A 67 16.80 -4.50 -14.09
C VAL A 67 18.14 -4.66 -14.80
N ILE A 68 18.92 -3.58 -14.85
CA ILE A 68 20.30 -3.69 -15.31
C ILE A 68 21.22 -3.64 -14.09
N PRO A 69 21.58 -4.79 -13.53
CA PRO A 69 22.31 -4.78 -12.25
C PRO A 69 23.73 -4.26 -12.45
N ARG A 70 24.30 -3.74 -11.37
CA ARG A 70 25.66 -3.26 -11.36
C ARG A 70 26.54 -4.27 -10.63
N MET A 71 27.79 -4.37 -11.05
CA MET A 71 28.68 -5.37 -10.49
C MET A 71 29.81 -4.73 -9.68
N LEU A 72 30.38 -5.55 -8.78
CA LEU A 72 31.69 -5.32 -8.18
C LEU A 72 31.71 -4.10 -7.26
N ARG A 73 30.58 -3.75 -6.70
CA ARG A 73 30.50 -2.60 -5.80
C ARG A 73 30.58 -3.06 -4.35
N ASP A 74 31.10 -2.18 -3.51
CA ASP A 74 31.27 -2.49 -2.09
C ASP A 74 29.92 -2.75 -1.43
N LEU A 75 29.76 -3.94 -0.85
CA LEU A 75 28.51 -4.34 -0.21
C LEU A 75 28.70 -4.64 1.27
N THR A 76 29.68 -4.01 1.89
CA THR A 76 29.94 -4.20 3.30
C THR A 76 28.68 -3.99 4.15
N ASP A 77 28.08 -2.81 4.05
CA ASP A 77 26.91 -2.46 4.86
C ASP A 77 25.69 -2.31 3.95
N VAL A 78 25.23 -3.42 3.37
CA VAL A 78 23.96 -3.38 2.65
C VAL A 78 22.83 -3.13 3.64
N THR A 79 22.03 -2.10 3.38
CA THR A 79 20.93 -1.76 4.25
C THR A 79 19.70 -1.47 3.41
N THR A 80 18.60 -2.13 3.74
CA THR A 80 17.30 -1.87 3.11
C THR A 80 16.52 -0.74 3.79
N GLU A 81 17.11 0.00 4.73
CA GLU A 81 16.38 1.01 5.48
C GLU A 81 16.16 2.26 4.65
N ILE A 82 15.11 2.99 5.00
CA ILE A 82 14.84 4.29 4.41
C ILE A 82 14.32 5.22 5.52
N ASP A 83 14.44 6.51 5.29
CA ASP A 83 13.76 7.51 6.10
C ASP A 83 12.59 8.02 5.29
N ILE A 84 11.39 7.92 5.83
CA ILE A 84 10.22 8.44 5.13
C ILE A 84 9.31 9.14 6.12
N PHE A 85 8.94 10.37 5.80
CA PHE A 85 8.23 11.24 6.73
C PHE A 85 8.95 11.34 8.06
N GLY A 86 10.28 11.53 7.99
CA GLY A 86 11.09 11.77 9.16
C GLY A 86 11.50 10.55 9.95
N ARG A 87 10.77 9.45 9.84
CA ARG A 87 11.03 8.24 10.59
C ARG A 87 11.78 7.19 9.75
N ARG A 88 12.58 6.39 10.44
CA ARG A 88 13.23 5.23 9.84
C ARG A 88 12.24 4.10 9.63
N ALA A 89 12.35 3.41 8.47
CA ALA A 89 11.64 2.18 8.20
C ALA A 89 12.64 1.10 7.80
N ALA A 90 12.30 -0.15 8.15
CA ALA A 90 13.25 -1.26 7.94
C ALA A 90 13.43 -1.62 6.47
N LEU A 91 12.36 -1.48 5.68
CA LEU A 91 12.28 -1.78 4.26
C LEU A 91 11.68 -0.57 3.56
N PRO A 92 11.89 -0.43 2.28
CA PRO A 92 11.13 0.58 1.55
C PRO A 92 9.70 0.11 1.25
N MET A 93 8.95 -0.22 2.31
CA MET A 93 7.62 -0.78 2.13
C MET A 93 6.74 -0.48 3.33
N ALA A 94 5.42 -0.34 3.08
CA ALA A 94 4.40 -0.26 4.11
C ALA A 94 3.25 -1.21 3.77
N VAL A 95 2.46 -1.56 4.78
CA VAL A 95 1.28 -2.40 4.55
C VAL A 95 0.18 -1.52 3.96
N ALA A 96 -0.36 -1.93 2.84
CA ALA A 96 -1.40 -1.14 2.21
C ALA A 96 -2.66 -1.11 3.09
N PRO A 97 -3.43 -0.03 3.01
CA PRO A 97 -4.76 -0.04 3.63
C PRO A 97 -5.66 -1.11 3.02
N VAL A 98 -6.14 -2.03 3.85
CA VAL A 98 -7.09 -3.05 3.42
C VAL A 98 -8.21 -3.11 4.45
N ALA A 99 -9.42 -2.72 4.05
CA ALA A 99 -10.55 -2.67 4.96
C ALA A 99 -10.90 -4.05 5.50
N TYR A 100 -11.56 -4.05 6.67
CA TYR A 100 -12.26 -5.20 7.23
C TYR A 100 -11.34 -6.42 7.38
N GLN A 101 -10.24 -6.22 8.10
CA GLN A 101 -9.25 -7.29 8.11
C GLN A 101 -9.70 -8.49 8.96
N ARG A 102 -10.71 -8.31 9.82
CA ARG A 102 -11.29 -9.43 10.56
C ARG A 102 -12.04 -10.41 9.66
N LEU A 103 -12.27 -10.05 8.40
CA LEU A 103 -12.72 -11.03 7.42
C LEU A 103 -11.71 -12.16 7.24
N PHE A 104 -10.44 -11.89 7.46
CA PHE A 104 -9.42 -12.86 7.11
C PHE A 104 -8.88 -13.61 8.32
N HIS A 105 -9.18 -13.14 9.52
CA HIS A 105 -8.63 -13.70 10.75
C HIS A 105 -9.26 -13.01 11.94
N PRO A 106 -9.49 -13.74 13.03
CA PRO A 106 -10.20 -13.14 14.18
C PRO A 106 -9.49 -11.95 14.80
N GLU A 107 -8.16 -11.94 14.77
CA GLU A 107 -7.41 -10.81 15.31
C GLU A 107 -7.31 -9.64 14.33
N GLY A 108 -7.64 -9.86 13.06
CA GLY A 108 -7.78 -8.78 12.09
C GLY A 108 -6.60 -7.84 12.07
N GLU A 109 -6.91 -6.53 12.10
CA GLU A 109 -5.90 -5.49 11.99
C GLU A 109 -4.85 -5.57 13.09
N LEU A 110 -5.21 -6.11 14.27
CA LEU A 110 -4.23 -6.17 15.36
C LEU A 110 -3.10 -7.14 15.06
N ALA A 111 -3.43 -8.32 14.54
CA ALA A 111 -2.39 -9.25 14.10
C ALA A 111 -1.45 -8.58 13.09
N VAL A 112 -2.00 -7.87 12.10
CA VAL A 112 -1.16 -7.31 11.04
C VAL A 112 -0.32 -6.18 11.57
N ALA A 113 -0.94 -5.29 12.36
CA ALA A 113 -0.22 -4.15 12.90
C ALA A 113 0.91 -4.59 13.83
N ARG A 114 0.67 -5.62 14.64
CA ARG A 114 1.74 -6.13 15.50
C ARG A 114 2.90 -6.67 14.67
N ALA A 115 2.60 -7.49 13.66
CA ALA A 115 3.65 -7.99 12.81
C ALA A 115 4.37 -6.86 12.09
N ALA A 116 3.61 -5.84 11.63
CA ALA A 116 4.26 -4.71 10.97
C ALA A 116 5.22 -4.02 11.92
N ARG A 117 4.76 -3.74 13.14
CA ARG A 117 5.62 -3.08 14.12
C ARG A 117 6.87 -3.92 14.39
N ASP A 118 6.72 -5.23 14.55
CA ASP A 118 7.89 -6.02 14.88
C ASP A 118 8.87 -6.07 13.74
N ALA A 119 8.39 -5.87 12.51
CA ALA A 119 9.24 -5.90 11.33
C ALA A 119 9.81 -4.53 10.99
N GLY A 120 9.38 -3.47 11.70
CA GLY A 120 9.86 -2.14 11.38
C GLY A 120 9.22 -1.56 10.14
N VAL A 121 8.01 -1.98 9.80
CA VAL A 121 7.34 -1.59 8.56
C VAL A 121 6.09 -0.79 8.94
N PRO A 122 5.88 0.40 8.35
CA PRO A 122 4.65 1.15 8.64
C PRO A 122 3.41 0.37 8.27
N TYR A 123 2.36 0.58 9.07
CA TYR A 123 1.05 -0.05 8.87
C TYR A 123 0.00 1.04 8.63
N THR A 124 -0.88 0.81 7.67
CA THR A 124 -1.90 1.79 7.31
C THR A 124 -3.26 1.38 7.87
N ILE A 125 -3.71 2.10 8.89
CA ILE A 125 -5.04 1.90 9.43
C ILE A 125 -6.08 2.47 8.47
N CYS A 126 -7.05 1.66 8.12
CA CYS A 126 -8.12 2.09 7.22
C CYS A 126 -9.20 2.89 7.96
N THR A 127 -9.83 3.81 7.24
CA THR A 127 -11.09 4.38 7.70
C THR A 127 -12.08 3.26 8.05
N LEU A 128 -12.13 2.23 7.21
CA LEU A 128 -13.04 1.10 7.38
C LEU A 128 -12.37 -0.10 8.03
N SER A 129 -11.74 0.07 9.17
CA SER A 129 -11.13 -1.07 9.83
C SER A 129 -12.15 -1.76 10.72
N SER A 130 -11.97 -3.07 10.90
CA SER A 130 -12.89 -3.80 11.77
C SER A 130 -12.42 -3.79 13.22
N VAL A 131 -11.35 -3.07 13.53
CA VAL A 131 -10.97 -2.69 14.88
C VAL A 131 -10.73 -1.18 14.85
N SER A 132 -11.03 -0.52 15.96
CA SER A 132 -10.97 0.94 15.98
C SER A 132 -9.53 1.42 15.82
N LEU A 133 -9.38 2.62 15.27
CA LEU A 133 -8.04 3.10 14.98
C LEU A 133 -7.25 3.33 16.25
N GLU A 134 -7.91 3.80 17.31
CA GLU A 134 -7.23 4.00 18.58
C GLU A 134 -6.63 2.69 19.07
N GLU A 135 -7.36 1.59 18.92
CA GLU A 135 -6.82 0.29 19.34
C GLU A 135 -5.62 -0.08 18.48
N ILE A 136 -5.74 0.06 17.15
CA ILE A 136 -4.66 -0.39 16.27
C ILE A 136 -3.41 0.44 16.50
N ALA A 137 -3.57 1.75 16.69
CA ALA A 137 -2.43 2.61 16.95
C ALA A 137 -1.76 2.24 18.27
N ALA A 138 -2.55 1.80 19.26
CA ALA A 138 -2.01 1.45 20.57
C ALA A 138 -1.00 0.32 20.50
N VAL A 139 -1.12 -0.54 19.47
CA VAL A 139 -0.16 -1.59 19.22
C VAL A 139 1.26 -1.06 19.17
N GLY A 140 1.42 0.21 18.81
CA GLY A 140 2.73 0.81 18.66
C GLY A 140 3.15 0.86 17.20
N GLY A 141 4.47 0.94 17.02
CA GLY A 141 5.04 0.74 15.70
C GLY A 141 4.77 1.83 14.69
N ARG A 142 4.61 3.05 15.15
CA ARG A 142 4.26 4.19 14.31
C ARG A 142 3.37 3.83 13.10
N PRO A 143 2.05 3.87 13.26
CA PRO A 143 1.13 3.59 12.16
C PRO A 143 0.71 4.83 11.37
N TRP A 144 0.07 4.58 10.23
CA TRP A 144 -0.47 5.62 9.36
C TRP A 144 -1.98 5.47 9.33
N PHE A 145 -2.68 6.58 9.05
CA PHE A 145 -4.13 6.53 8.92
C PHE A 145 -4.59 6.84 7.50
N GLN A 146 -5.41 5.95 6.94
CA GLN A 146 -5.97 6.14 5.61
C GLN A 146 -7.36 6.73 5.74
N LEU A 147 -7.59 7.86 5.08
CA LEU A 147 -8.83 8.61 5.15
C LEU A 147 -9.68 8.40 3.90
N TYR A 148 -10.96 8.14 4.10
CA TYR A 148 -12.00 8.32 3.09
C TYR A 148 -12.86 9.51 3.46
N TRP A 149 -13.08 10.42 2.51
CA TRP A 149 -13.86 11.62 2.75
C TRP A 149 -15.31 11.26 3.07
N LEU A 150 -15.83 11.80 4.18
CA LEU A 150 -17.17 11.49 4.62
C LEU A 150 -18.17 12.55 4.19
N ARG A 151 -19.45 12.17 4.31
CA ARG A 151 -20.64 13.00 4.09
C ARG A 151 -20.41 14.49 4.31
N ASP A 152 -20.02 14.90 5.51
CA ASP A 152 -19.74 16.30 5.77
C ASP A 152 -18.32 16.49 6.25
N GLU A 153 -17.80 17.68 5.96
CA GLU A 153 -16.41 18.01 6.26
C GLU A 153 -16.07 17.82 7.74
N LYS A 154 -16.99 18.19 8.63
CA LYS A 154 -16.71 18.18 10.06
C LYS A 154 -16.40 16.76 10.55
N ARG A 155 -17.17 15.76 10.12
CA ARG A 155 -16.85 14.38 10.49
C ARG A 155 -15.52 13.95 9.90
N SER A 156 -15.23 14.34 8.67
CA SER A 156 -13.96 13.98 8.04
C SER A 156 -12.79 14.53 8.84
N LEU A 157 -12.89 15.80 9.25
CA LEU A 157 -11.78 16.38 9.97
C LEU A 157 -11.68 15.86 11.40
N ASP A 158 -12.79 15.40 11.97
CA ASP A 158 -12.72 14.75 13.27
C ASP A 158 -12.05 13.39 13.16
N LEU A 159 -12.25 12.70 12.04
CA LEU A 159 -11.51 11.46 11.81
C LEU A 159 -10.01 11.74 11.79
N VAL A 160 -9.59 12.75 11.01
CA VAL A 160 -8.19 13.15 10.97
C VAL A 160 -7.70 13.42 12.39
N ARG A 161 -8.49 14.18 13.15
CA ARG A 161 -8.08 14.55 14.51
C ARG A 161 -7.92 13.32 15.40
N ARG A 162 -8.87 12.38 15.31
CA ARG A 162 -8.75 11.13 16.04
C ARG A 162 -7.42 10.48 15.73
N ALA A 163 -7.16 10.26 14.44
CA ALA A 163 -5.95 9.56 14.06
C ALA A 163 -4.73 10.34 14.52
N GLU A 164 -4.78 11.67 14.43
CA GLU A 164 -3.64 12.46 14.87
C GLU A 164 -3.42 12.30 16.37
N ASP A 165 -4.51 12.34 17.16
CA ASP A 165 -4.39 12.21 18.61
C ASP A 165 -3.92 10.81 19.02
N ALA A 166 -4.43 9.77 18.35
CA ALA A 166 -3.99 8.40 18.61
C ALA A 166 -2.53 8.17 18.25
N GLY A 167 -1.81 9.20 17.79
CA GLY A 167 -0.42 9.06 17.42
C GLY A 167 -0.10 8.56 16.03
N CYS A 168 -1.03 8.64 15.07
CA CYS A 168 -0.69 8.28 13.70
C CYS A 168 0.26 9.32 13.12
N GLU A 169 1.08 8.87 12.17
CA GLU A 169 2.16 9.72 11.66
C GLU A 169 1.92 10.29 10.27
N ALA A 170 0.93 9.80 9.53
CA ALA A 170 0.64 10.34 8.22
C ALA A 170 -0.82 10.14 7.91
N ILE A 171 -1.42 11.09 7.22
CA ILE A 171 -2.78 10.96 6.72
C ILE A 171 -2.67 10.48 5.29
N VAL A 172 -3.08 9.23 5.04
CA VAL A 172 -3.09 8.68 3.69
C VAL A 172 -4.47 8.95 3.12
N PHE A 173 -4.62 10.07 2.43
CA PHE A 173 -5.91 10.49 1.88
C PHE A 173 -6.17 9.73 0.58
N THR A 174 -7.12 8.80 0.61
CA THR A 174 -7.43 8.02 -0.60
C THR A 174 -8.38 8.83 -1.49
N VAL A 175 -7.95 9.11 -2.71
CA VAL A 175 -8.61 10.10 -3.56
C VAL A 175 -9.23 9.48 -4.79
N ASP A 176 -9.20 8.16 -4.96
CA ASP A 176 -9.63 7.51 -6.19
C ASP A 176 -10.93 6.74 -6.00
N VAL A 177 -11.68 7.05 -4.94
CA VAL A 177 -12.93 6.35 -4.66
C VAL A 177 -14.02 7.38 -4.43
N PRO A 178 -14.45 8.12 -5.46
CA PRO A 178 -15.71 8.87 -5.32
C PRO A 178 -16.85 7.94 -4.95
N TRP A 179 -16.82 6.74 -5.51
CA TRP A 179 -17.61 5.59 -5.07
C TRP A 179 -16.81 4.35 -5.38
N MET A 180 -17.33 3.19 -4.98
CA MET A 180 -16.59 1.95 -5.22
C MET A 180 -16.73 1.48 -6.67
N GLY A 181 -15.69 0.81 -7.16
CA GLY A 181 -15.78 0.13 -8.43
C GLY A 181 -16.76 -1.03 -8.39
N ARG A 182 -17.16 -1.49 -9.58
CA ARG A 182 -18.10 -2.60 -9.70
C ARG A 182 -17.31 -3.90 -9.60
N LEU A 183 -17.28 -4.49 -8.40
CA LEU A 183 -16.56 -5.74 -8.14
C LEU A 183 -17.47 -6.90 -8.55
N LEU A 184 -17.26 -7.44 -9.76
CA LEU A 184 -18.22 -8.42 -10.29
C LEU A 184 -18.18 -9.74 -9.52
N ARG A 185 -17.00 -10.14 -9.02
CA ARG A 185 -16.94 -11.35 -8.19
C ARG A 185 -17.87 -11.25 -7.00
N ASP A 186 -17.97 -10.05 -6.41
CA ASP A 186 -18.87 -9.84 -5.29
C ASP A 186 -20.34 -9.90 -5.73
N MET A 187 -20.66 -9.33 -6.89
CA MET A 187 -22.04 -9.35 -7.35
C MET A 187 -22.51 -10.78 -7.59
N ARG A 188 -21.68 -11.61 -8.20
CA ARG A 188 -22.02 -13.00 -8.50
C ARG A 188 -21.84 -13.94 -7.33
N ASN A 189 -21.53 -13.42 -6.14
CA ASN A 189 -21.52 -14.21 -4.93
C ASN A 189 -22.57 -13.75 -3.94
N GLY A 190 -23.23 -12.63 -4.20
CA GLY A 190 -24.08 -12.01 -3.21
C GLY A 190 -23.32 -11.85 -1.92
N PHE A 191 -22.07 -11.42 -2.02
CA PHE A 191 -21.25 -11.26 -0.84
C PHE A 191 -21.67 -10.00 -0.09
N ALA A 192 -21.80 -10.13 1.23
CA ALA A 192 -22.14 -9.00 2.09
C ALA A 192 -21.29 -9.09 3.34
N LEU A 193 -21.04 -7.95 3.94
CA LEU A 193 -20.24 -7.92 5.15
C LEU A 193 -20.94 -8.78 6.20
N PRO A 194 -20.29 -9.83 6.72
CA PRO A 194 -20.89 -10.61 7.81
C PRO A 194 -21.17 -9.71 9.01
N GLU A 195 -21.97 -10.24 9.94
CA GLU A 195 -22.40 -9.43 11.07
C GLU A 195 -21.38 -9.40 12.21
N TRP A 196 -20.36 -10.25 12.18
CA TRP A 196 -19.27 -10.12 13.14
C TRP A 196 -18.18 -9.17 12.67
N VAL A 197 -18.33 -8.56 11.51
CA VAL A 197 -17.39 -7.57 10.99
C VAL A 197 -18.13 -6.24 10.86
N THR A 198 -17.61 -5.24 11.56
CA THR A 198 -18.21 -3.92 11.65
C THR A 198 -17.20 -2.86 11.25
N ALA A 199 -17.70 -1.66 10.93
CA ALA A 199 -16.84 -0.51 10.71
C ALA A 199 -16.57 0.15 12.06
N ALA A 200 -15.59 -0.42 12.77
CA ALA A 200 -15.33 -0.09 14.18
C ALA A 200 -15.09 1.39 14.43
N ASN A 201 -14.78 2.16 13.39
CA ASN A 201 -14.53 3.58 13.62
C ASN A 201 -15.80 4.41 13.70
N PHE A 202 -16.98 3.80 13.53
CA PHE A 202 -18.24 4.50 13.40
C PHE A 202 -19.29 3.96 14.37
N ASP A 203 -20.29 4.79 14.63
CA ASP A 203 -21.35 4.45 15.58
C ASP A 203 -22.69 4.25 14.84
N PHE A 226 -20.63 9.10 3.38
CA PHE A 226 -19.53 9.15 2.43
C PHE A 226 -19.81 10.01 1.19
N ALA A 227 -18.82 10.79 0.76
CA ALA A 227 -18.97 11.78 -0.30
C ALA A 227 -17.64 11.93 -1.04
N PRO A 228 -17.67 12.24 -2.34
CA PRO A 228 -16.41 12.30 -3.11
C PRO A 228 -15.54 13.49 -2.72
N ALA A 229 -14.24 13.28 -2.67
CA ALA A 229 -13.32 14.32 -2.27
C ALA A 229 -12.94 15.20 -3.47
N THR A 230 -12.54 16.43 -3.17
CA THR A 230 -12.01 17.35 -4.17
C THR A 230 -10.72 17.98 -3.66
N TRP A 231 -10.06 18.73 -4.53
CA TRP A 231 -8.89 19.47 -4.07
C TRP A 231 -9.25 20.40 -2.91
N GLU A 232 -10.51 20.83 -2.79
CA GLU A 232 -10.89 21.61 -1.62
CA GLU A 232 -10.90 21.61 -1.63
C GLU A 232 -10.83 20.75 -0.36
N SER A 233 -11.22 19.48 -0.46
CA SER A 233 -11.13 18.57 0.68
C SER A 233 -9.68 18.38 1.13
N VAL A 234 -8.78 18.13 0.17
CA VAL A 234 -7.35 18.01 0.48
C VAL A 234 -6.88 19.24 1.25
N GLU A 235 -7.29 20.42 0.81
CA GLU A 235 -6.86 21.63 1.48
C GLU A 235 -7.39 21.69 2.91
N ALA A 236 -8.62 21.24 3.13
CA ALA A 236 -9.15 21.24 4.50
C ALA A 236 -8.32 20.34 5.40
N VAL A 237 -7.97 19.14 4.91
CA VAL A 237 -7.21 18.18 5.70
C VAL A 237 -5.82 18.72 5.98
N ARG A 238 -5.18 19.29 4.97
CA ARG A 238 -3.82 19.82 5.14
C ARG A 238 -3.81 20.91 6.21
N ALA A 239 -4.83 21.78 6.21
CA ALA A 239 -4.96 22.84 7.21
C ALA A 239 -5.25 22.31 8.60
N HIS A 240 -5.83 21.13 8.72
CA HIS A 240 -6.29 20.59 9.99
C HIS A 240 -5.25 19.76 10.71
N THR A 241 -4.11 19.45 10.07
CA THR A 241 -3.15 18.55 10.66
C THR A 241 -1.76 19.04 10.35
N ASP A 242 -0.85 18.77 11.27
CA ASP A 242 0.57 18.92 10.99
C ASP A 242 1.17 17.66 10.40
N LEU A 243 0.42 16.56 10.40
CA LEU A 243 0.93 15.34 9.81
C LEU A 243 1.11 15.52 8.31
N PRO A 244 2.09 14.83 7.72
CA PRO A 244 2.17 14.81 6.27
C PRO A 244 0.93 14.17 5.68
N VAL A 245 0.42 14.78 4.61
CA VAL A 245 -0.74 14.30 3.89
C VAL A 245 -0.28 13.61 2.62
N VAL A 246 -0.77 12.38 2.40
CA VAL A 246 -0.36 11.56 1.30
C VAL A 246 -1.60 11.16 0.50
N LEU A 247 -1.59 11.48 -0.79
CA LEU A 247 -2.73 11.21 -1.65
C LEU A 247 -2.51 9.86 -2.35
N LYS A 248 -3.41 8.93 -2.12
CA LYS A 248 -3.31 7.58 -2.67
C LYS A 248 -4.27 7.46 -3.85
N GLY A 249 -3.75 7.00 -4.99
CA GLY A 249 -4.55 6.86 -6.20
C GLY A 249 -4.27 7.91 -7.27
N ILE A 250 -3.11 8.57 -7.24
CA ILE A 250 -2.68 9.49 -8.27
C ILE A 250 -2.11 8.69 -9.43
N LEU A 251 -2.59 8.95 -10.64
CA LEU A 251 -2.05 8.31 -11.83
C LEU A 251 -1.67 9.28 -12.94
N ALA A 252 -2.23 10.47 -12.95
CA ALA A 252 -1.93 11.46 -13.99
C ALA A 252 -0.75 12.32 -13.56
N VAL A 253 0.20 12.52 -14.48
CA VAL A 253 1.36 13.34 -14.19
C VAL A 253 0.96 14.69 -13.62
N GLU A 254 -0.08 15.30 -14.19
CA GLU A 254 -0.48 16.61 -13.70
C GLU A 254 -1.16 16.55 -12.34
N ASP A 255 -1.85 15.44 -12.00
CA ASP A 255 -2.34 15.32 -10.62
C ASP A 255 -1.18 15.21 -9.62
N ALA A 256 -0.07 14.58 -10.01
CA ALA A 256 1.13 14.57 -9.17
C ALA A 256 1.66 15.97 -8.97
N ARG A 257 1.76 16.75 -10.05
CA ARG A 257 2.23 18.12 -9.89
C ARG A 257 1.31 18.89 -8.96
N ARG A 258 0.01 18.74 -9.13
CA ARG A 258 -0.93 19.48 -8.30
C ARG A 258 -0.89 19.00 -6.85
N ALA A 259 -0.65 17.71 -6.62
CA ALA A 259 -0.47 17.20 -5.27
C ALA A 259 0.66 17.94 -4.56
N VAL A 260 1.79 18.12 -5.25
CA VAL A 260 2.93 18.82 -4.67
C VAL A 260 2.57 20.27 -4.38
N ASP A 261 1.93 20.93 -5.34
CA ASP A 261 1.47 22.29 -5.13
C ASP A 261 0.46 22.37 -3.99
N ALA A 262 -0.34 21.33 -3.82
CA ALA A 262 -1.32 21.32 -2.74
C ALA A 262 -0.70 21.09 -1.37
N GLY A 263 0.60 20.81 -1.28
CA GLY A 263 1.23 20.59 0.01
C GLY A 263 1.24 19.16 0.49
N ALA A 264 0.88 18.21 -0.35
CA ALA A 264 0.99 16.81 0.00
C ALA A 264 2.42 16.49 0.36
N GLY A 265 2.62 15.79 1.48
CA GLY A 265 3.94 15.27 1.77
C GLY A 265 4.32 14.11 0.88
N GLY A 266 3.36 13.51 0.19
CA GLY A 266 3.66 12.46 -0.76
C GLY A 266 2.40 12.06 -1.50
N ILE A 267 2.60 11.16 -2.48
CA ILE A 267 1.51 10.51 -3.18
C ILE A 267 1.80 9.01 -3.24
N VAL A 268 0.74 8.23 -3.42
CA VAL A 268 0.87 6.83 -3.79
C VAL A 268 0.34 6.69 -5.20
N VAL A 269 1.21 6.31 -6.12
CA VAL A 269 0.82 6.13 -7.50
C VAL A 269 0.20 4.74 -7.59
N SER A 270 -1.09 4.69 -7.89
CA SER A 270 -1.88 3.49 -7.64
C SER A 270 -3.16 3.54 -8.47
N ASN A 271 -3.54 2.41 -9.07
CA ASN A 271 -4.89 2.23 -9.57
C ASN A 271 -5.75 1.44 -8.60
N HIS A 272 -5.37 1.40 -7.33
CA HIS A 272 -6.18 0.81 -6.27
C HIS A 272 -6.29 -0.72 -6.40
N GLY A 273 -5.21 -1.38 -6.82
CA GLY A 273 -5.23 -2.82 -6.96
C GLY A 273 -6.19 -3.32 -8.03
N GLY A 274 -6.51 -2.48 -9.02
CA GLY A 274 -7.45 -2.85 -10.06
C GLY A 274 -8.88 -2.99 -9.60
N ARG A 275 -9.23 -2.38 -8.47
CA ARG A 275 -10.59 -2.45 -7.92
C ARG A 275 -11.41 -1.19 -8.15
N GLN A 276 -10.84 -0.16 -8.79
CA GLN A 276 -11.60 1.06 -9.03
C GLN A 276 -11.96 1.17 -10.51
N LEU A 277 -11.34 2.07 -11.27
CA LEU A 277 -11.64 2.13 -12.70
C LEU A 277 -11.00 0.94 -13.40
N ASP A 278 -11.83 0.01 -13.90
CA ASP A 278 -11.26 -1.04 -14.70
C ASP A 278 -10.79 -0.45 -16.03
N GLY A 279 -9.53 -0.70 -16.37
CA GLY A 279 -8.87 -0.04 -17.49
C GLY A 279 -7.98 1.12 -17.09
N ALA A 280 -7.97 1.51 -15.82
CA ALA A 280 -7.01 2.49 -15.35
C ALA A 280 -5.60 1.94 -15.49
N VAL A 281 -4.72 2.75 -16.05
CA VAL A 281 -3.30 2.43 -16.20
C VAL A 281 -2.69 1.94 -14.88
N PRO A 282 -1.77 0.98 -14.90
CA PRO A 282 -1.09 0.59 -13.65
C PRO A 282 -0.19 1.70 -13.12
N GLY A 283 -0.18 1.85 -11.81
CA GLY A 283 0.75 2.79 -11.18
C GLY A 283 2.16 2.63 -11.70
N ILE A 284 2.64 1.38 -11.76
CA ILE A 284 4.02 1.11 -12.20
C ILE A 284 4.30 1.74 -13.57
N GLU A 285 3.29 1.74 -14.47
CA GLU A 285 3.52 2.31 -15.80
C GLU A 285 3.62 3.83 -15.80
N MET A 286 3.05 4.51 -14.79
CA MET A 286 3.14 5.97 -14.67
C MET A 286 4.25 6.43 -13.76
N LEU A 287 4.87 5.50 -13.04
CA LEU A 287 5.76 5.87 -11.94
C LEU A 287 6.93 6.71 -12.45
N GLY A 288 7.59 6.27 -13.51
CA GLY A 288 8.76 6.98 -14.00
C GLY A 288 8.45 8.42 -14.37
N GLU A 289 7.40 8.62 -15.16
CA GLU A 289 6.98 9.96 -15.55
C GLU A 289 6.68 10.83 -14.33
N ILE A 290 5.91 10.28 -13.39
CA ILE A 290 5.50 11.05 -12.22
C ILE A 290 6.73 11.48 -11.42
N VAL A 291 7.66 10.53 -11.21
CA VAL A 291 8.86 10.84 -10.44
C VAL A 291 9.62 12.00 -11.07
N ALA A 292 9.67 12.02 -12.41
CA ALA A 292 10.37 13.09 -13.10
C ALA A 292 9.62 14.42 -12.97
N ALA A 293 8.29 14.40 -13.09
CA ALA A 293 7.51 15.63 -12.96
C ALA A 293 7.56 16.19 -11.55
N VAL A 294 7.58 15.31 -10.54
CA VAL A 294 7.55 15.73 -9.15
C VAL A 294 8.90 16.29 -8.73
N SER A 295 9.99 15.74 -9.29
CA SER A 295 11.30 16.36 -9.21
C SER A 295 11.74 16.61 -7.76
N GLY A 296 11.60 15.57 -6.93
CA GLY A 296 11.93 15.69 -5.53
C GLY A 296 10.95 16.49 -4.68
N GLY A 297 9.80 16.89 -5.21
CA GLY A 297 8.91 17.72 -4.43
C GLY A 297 8.10 16.99 -3.36
N CYS A 298 8.03 15.67 -3.42
CA CYS A 298 7.37 14.91 -2.37
C CYS A 298 7.78 13.45 -2.52
N GLU A 299 7.45 12.66 -1.52
CA GLU A 299 7.67 11.22 -1.64
C GLU A 299 6.72 10.64 -2.67
N VAL A 300 7.24 9.74 -3.50
CA VAL A 300 6.43 9.05 -4.50
C VAL A 300 6.44 7.57 -4.19
N LEU A 301 5.32 7.06 -3.71
CA LEU A 301 5.15 5.64 -3.47
C LEU A 301 4.35 5.03 -4.62
N VAL A 302 4.36 3.70 -4.69
CA VAL A 302 3.61 2.98 -5.70
C VAL A 302 3.04 1.72 -5.08
N ASP A 303 1.90 1.26 -5.58
CA ASP A 303 1.41 -0.04 -5.16
C ASP A 303 0.80 -0.77 -6.34
N GLY A 304 0.31 -1.97 -6.08
CA GLY A 304 -0.34 -2.79 -7.08
C GLY A 304 0.57 -3.86 -7.62
N GLY A 305 0.33 -5.12 -7.25
CA GLY A 305 1.08 -6.22 -7.82
C GLY A 305 2.42 -6.54 -7.20
N ILE A 306 2.87 -5.78 -6.20
CA ILE A 306 4.14 -6.14 -5.56
C ILE A 306 4.01 -7.52 -4.97
N ARG A 307 4.85 -8.46 -5.43
CA ARG A 307 4.75 -9.85 -5.02
C ARG A 307 6.09 -10.47 -4.63
N SER A 308 7.15 -9.68 -4.48
CA SER A 308 8.48 -10.23 -4.25
C SER A 308 9.45 -9.09 -3.96
N GLY A 309 10.64 -9.46 -3.47
CA GLY A 309 11.70 -8.49 -3.31
C GLY A 309 12.16 -7.91 -4.65
N GLY A 310 12.21 -8.76 -5.68
CA GLY A 310 12.48 -8.24 -7.02
C GLY A 310 11.51 -7.15 -7.44
N ASP A 311 10.23 -7.31 -7.10
CA ASP A 311 9.26 -6.29 -7.47
C ASP A 311 9.55 -4.98 -6.76
N VAL A 312 9.92 -5.05 -5.47
CA VAL A 312 10.32 -3.86 -4.72
C VAL A 312 11.51 -3.21 -5.40
N LEU A 313 12.48 -4.01 -5.83
CA LEU A 313 13.65 -3.47 -6.50
C LEU A 313 13.25 -2.74 -7.76
N LYS A 314 12.38 -3.37 -8.56
CA LYS A 314 11.93 -2.74 -9.80
C LYS A 314 11.31 -1.40 -9.49
N ALA A 315 10.39 -1.36 -8.52
CA ALA A 315 9.72 -0.12 -8.18
C ALA A 315 10.72 0.96 -7.81
N THR A 316 11.72 0.62 -6.98
CA THR A 316 12.68 1.65 -6.61
C THR A 316 13.57 2.01 -7.80
N ALA A 317 13.84 1.05 -8.69
CA ALA A 317 14.66 1.42 -9.85
C ALA A 317 13.90 2.36 -10.78
N LEU A 318 12.55 2.28 -10.79
CA LEU A 318 11.74 3.25 -11.52
C LEU A 318 11.56 4.55 -10.77
N GLY A 319 12.02 4.64 -9.52
CA GLY A 319 12.06 5.90 -8.80
C GLY A 319 11.21 5.99 -7.54
N ALA A 320 10.44 4.96 -7.19
CA ALA A 320 9.61 5.01 -5.98
C ALA A 320 10.46 5.20 -4.72
N SER A 321 9.89 5.90 -3.75
CA SER A 321 10.48 5.97 -2.43
C SER A 321 10.20 4.68 -1.66
N ALA A 322 9.00 4.14 -1.81
CA ALA A 322 8.60 2.93 -1.11
C ALA A 322 7.40 2.38 -1.85
N VAL A 323 7.02 1.15 -1.49
CA VAL A 323 5.84 0.52 -2.08
C VAL A 323 4.83 0.22 -0.98
N LEU A 324 3.59 0.03 -1.38
CA LEU A 324 2.60 -0.58 -0.52
C LEU A 324 2.32 -1.98 -1.02
N VAL A 325 2.12 -2.90 -0.08
CA VAL A 325 1.78 -4.29 -0.35
C VAL A 325 0.44 -4.57 0.30
N GLY A 326 -0.51 -5.07 -0.49
CA GLY A 326 -1.85 -5.27 0.02
C GLY A 326 -2.23 -6.74 0.15
N ARG A 327 -2.72 -7.32 -0.95
CA ARG A 327 -3.21 -8.70 -0.90
C ARG A 327 -2.24 -9.68 -0.23
N PRO A 328 -0.94 -9.71 -0.57
CA PRO A 328 -0.10 -10.76 0.06
C PRO A 328 -0.10 -10.71 1.57
N VAL A 329 -0.14 -9.52 2.16
CA VAL A 329 -0.21 -9.43 3.62
C VAL A 329 -1.49 -10.10 4.13
N MET A 330 -2.61 -9.89 3.45
CA MET A 330 -3.84 -10.57 3.88
C MET A 330 -3.74 -12.08 3.68
N TRP A 331 -2.99 -12.55 2.67
CA TRP A 331 -2.82 -13.99 2.55
C TRP A 331 -2.10 -14.56 3.77
N ALA A 332 -1.08 -13.84 4.26
CA ALA A 332 -0.35 -14.32 5.42
C ALA A 332 -1.20 -14.27 6.67
N LEU A 333 -2.01 -13.21 6.80
CA LEU A 333 -2.93 -13.07 7.92
C LEU A 333 -3.92 -14.24 7.95
N ALA A 334 -4.49 -14.59 6.81
CA ALA A 334 -5.46 -15.66 6.80
C ALA A 334 -4.79 -17.02 7.01
N ALA A 335 -3.55 -17.18 6.59
CA ALA A 335 -2.95 -18.51 6.70
C ALA A 335 -2.40 -18.78 8.10
N ALA A 336 -1.95 -17.73 8.80
CA ALA A 336 -1.22 -17.98 10.05
C ALA A 336 -1.24 -16.77 10.97
N GLY A 337 -2.23 -15.88 10.86
CA GLY A 337 -2.35 -14.80 11.83
C GLY A 337 -1.10 -13.97 11.91
N GLN A 338 -0.81 -13.46 13.11
CA GLN A 338 0.31 -12.55 13.28
C GLN A 338 1.63 -13.19 12.88
N ASP A 339 1.84 -14.46 13.24
CA ASP A 339 3.08 -15.10 12.85
C ASP A 339 3.20 -15.25 11.34
N GLY A 340 2.07 -15.47 10.66
CA GLY A 340 2.10 -15.48 9.21
C GLY A 340 2.62 -14.19 8.61
N VAL A 341 2.04 -13.06 9.04
CA VAL A 341 2.47 -11.78 8.49
C VAL A 341 3.93 -11.52 8.83
N ARG A 342 4.34 -11.89 10.05
CA ARG A 342 5.73 -11.72 10.41
C ARG A 342 6.63 -12.48 9.45
N GLN A 343 6.23 -13.70 9.12
CA GLN A 343 7.03 -14.52 8.21
C GLN A 343 7.07 -13.92 6.82
N LEU A 344 5.91 -13.46 6.33
CA LEU A 344 5.88 -12.78 5.04
C LEU A 344 6.79 -11.56 5.05
N LEU A 345 6.71 -10.75 6.10
CA LEU A 345 7.54 -9.55 6.16
C LEU A 345 9.01 -9.91 6.21
N GLU A 346 9.37 -10.97 6.95
CA GLU A 346 10.77 -11.40 6.95
C GLU A 346 11.17 -11.97 5.60
N LEU A 347 10.31 -12.78 4.98
CA LEU A 347 10.66 -13.29 3.65
C LEU A 347 10.85 -12.13 2.67
N LEU A 348 9.98 -11.12 2.73
CA LEU A 348 10.16 -9.99 1.83
C LEU A 348 11.43 -9.22 2.15
N ALA A 349 11.74 -9.07 3.44
CA ALA A 349 12.96 -8.37 3.84
C ALA A 349 14.18 -9.07 3.28
N GLU A 350 14.19 -10.40 3.31
CA GLU A 350 15.33 -11.12 2.77
C GLU A 350 15.37 -10.99 1.25
N GLU A 351 14.22 -11.15 0.60
CA GLU A 351 14.19 -11.04 -0.85
C GLU A 351 14.68 -9.67 -1.29
N VAL A 352 14.24 -8.60 -0.60
CA VAL A 352 14.68 -7.25 -0.93
C VAL A 352 16.21 -7.14 -0.81
N ARG A 353 16.74 -7.51 0.36
CA ARG A 353 18.18 -7.42 0.58
C ARG A 353 18.94 -8.32 -0.40
N ASP A 354 18.40 -9.50 -0.68
CA ASP A 354 18.96 -10.34 -1.73
C ASP A 354 19.06 -9.57 -3.04
N ALA A 355 17.95 -9.00 -3.50
CA ALA A 355 17.91 -8.40 -4.82
C ALA A 355 18.79 -7.16 -4.88
N MET A 356 18.83 -6.38 -3.81
CA MET A 356 19.66 -5.18 -3.84
C MET A 356 21.13 -5.54 -4.01
N GLY A 357 21.59 -6.56 -3.28
CA GLY A 357 23.00 -6.93 -3.33
C GLY A 357 23.39 -7.54 -4.65
N LEU A 358 22.56 -8.44 -5.19
CA LEU A 358 22.80 -9.01 -6.51
C LEU A 358 22.79 -7.95 -7.61
N ALA A 359 22.13 -6.81 -7.37
CA ALA A 359 22.13 -5.70 -8.31
C ALA A 359 23.19 -4.66 -7.99
N GLY A 360 23.97 -4.87 -6.93
CA GLY A 360 25.06 -3.97 -6.60
C GLY A 360 24.67 -2.77 -5.80
N CYS A 361 23.54 -2.80 -5.09
CA CYS A 361 23.05 -1.65 -4.34
C CYS A 361 23.21 -1.88 -2.84
N GLU A 362 24.04 -1.04 -2.24
CA GLU A 362 24.29 -1.01 -0.80
C GLU A 362 23.23 -0.22 -0.05
N SER A 363 22.54 0.71 -0.73
CA SER A 363 21.46 1.48 -0.13
C SER A 363 20.28 1.51 -1.08
N VAL A 364 19.14 1.92 -0.53
CA VAL A 364 17.96 2.05 -1.37
C VAL A 364 18.14 3.21 -2.34
N GLY A 365 18.90 4.23 -1.95
CA GLY A 365 19.20 5.30 -2.86
C GLY A 365 19.89 4.80 -4.10
N ALA A 366 20.89 3.92 -3.93
CA ALA A 366 21.58 3.35 -5.09
C ALA A 366 20.63 2.52 -5.95
N ALA A 367 19.72 1.75 -5.33
CA ALA A 367 18.72 1.03 -6.12
C ALA A 367 17.90 1.97 -6.98
N ARG A 368 17.67 3.21 -6.52
CA ARG A 368 16.90 4.14 -7.32
C ARG A 368 17.68 4.59 -8.55
N ARG A 369 19.00 4.53 -8.50
CA ARG A 369 19.83 4.91 -9.63
C ARG A 369 20.07 3.78 -10.61
N LEU A 370 19.48 2.61 -10.40
CA LEU A 370 19.54 1.55 -11.40
C LEU A 370 18.74 1.92 -12.64
N ASN A 371 19.20 1.44 -13.78
CA ASN A 371 18.40 1.50 -14.99
C ASN A 371 17.66 0.20 -15.23
N THR A 372 16.62 0.32 -16.05
CA THR A 372 15.76 -0.79 -16.39
C THR A 372 15.66 -0.86 -17.90
N LYS A 373 15.04 -1.94 -18.37
CA LYS A 373 14.79 -2.16 -19.78
C LYS A 373 13.46 -2.89 -19.85
N LEU A 374 12.58 -2.44 -20.74
CA LEU A 374 11.29 -3.12 -20.93
C LEU A 374 11.47 -4.35 -21.80
N GLY A 375 10.86 -5.46 -21.39
CA GLY A 375 10.89 -6.69 -22.14
C GLY A 375 9.55 -7.03 -22.78
N VAL A 376 9.36 -8.31 -23.06
CA VAL A 376 8.18 -8.81 -23.74
C VAL A 376 7.48 -9.84 -22.85
N VAL A 377 6.18 -9.61 -22.59
CA VAL A 377 5.31 -10.51 -21.81
C VAL A 377 5.93 -10.86 -20.45
C4 9Q0 B . -9.27 0.84 1.39
C6 9Q0 B . -9.70 -3.73 0.28
C11 9Q0 B . -7.90 -0.10 -0.33
C7 9Q0 B . -9.13 -4.88 -0.28
C8 9Q0 B . -8.01 -4.76 -1.11
C9 9Q0 B . -7.48 -3.50 -1.39
N1 9Q0 B . -7.16 1.06 -0.40
N3 9Q0 B . -8.54 2.03 1.32
C2 9Q0 B . -7.48 2.14 0.41
C4A 9Q0 B . -8.94 -0.24 0.58
C5A 9Q0 B . -9.15 -2.49 0.04
C9A 9Q0 B . -8.05 -2.37 -0.84
CAA 9Q0 B . -9.67 -6.14 0.00
CAH 9Q0 B . -7.41 -5.88 -1.68
CAS 9Q0 B . -6.37 -0.99 -2.05
CAT 9Q0 B . -4.98 -1.28 -1.41
CAU 9Q0 B . -3.87 -1.19 -2.46
CAV 9Q0 B . -3.92 -2.36 -3.42
CAW 9Q0 B . -2.46 -2.64 -3.82
CBF 9Q0 B . -12.42 -1.38 0.34
CBG 9Q0 B . -11.17 -1.01 -0.20
CBH 9Q0 B . -11.43 -1.51 -1.67
CBJ 9Q0 B . -13.29 -0.35 0.72
CBK 9Q0 B . -14.57 -0.64 1.19
CBL 9Q0 B . -15.04 -1.94 1.26
CBM 9Q0 B . -14.21 -2.97 0.83
CBN 9Q0 B . -12.92 -2.68 0.36
N10 9Q0 B . -7.52 -1.14 -1.11
N5 9Q0 B . -9.69 -1.35 0.47
NBP 9Q0 B . -11.97 -0.56 -2.45
O2 9Q0 B . -6.82 3.18 0.35
O4 9Q0 B . -10.20 0.79 2.19
OAX 9Q0 B . -2.43 -3.78 -4.66
OAZ 9Q0 B . -1.69 -5.97 -5.47
OBA 9Q0 B . -3.07 -5.83 -3.37
OBB 9Q0 B . -0.66 -5.02 -3.35
OBC 9Q0 B . -4.49 -3.49 -2.74
OBD 9Q0 B . -3.97 0.02 -3.25
OBE 9Q0 B . -4.67 -0.35 -0.33
OBI 9Q0 B . -11.32 -2.68 -2.06
OBO 9Q0 B . -11.39 0.40 -0.46
PAY 9Q0 B . -1.86 -5.20 -4.21
#